data_5KNM
#
_entry.id   5KNM
#
_cell.length_a   231.820
_cell.length_b   231.820
_cell.length_c   73.250
_cell.angle_alpha   90.00
_cell.angle_beta   90.00
_cell.angle_gamma   120.00
#
_symmetry.space_group_name_H-M   'P 6 2 2'
#
loop_
_entity.id
_entity.type
_entity.pdbx_description
1 polymer 'cDNA FLJ39643 fis, clone SMINT2004023, highly similar to HLA class I histocompatibility antigen, alphachain F'
2 polymer Beta-2-microglobulin
3 polymer 'Leukocyte immunoglobulin-like receptor subfamily B member 1'
4 polymer 'Peptide ILE-LEU-ARG-TRP-GLU-GLN'
5 non-polymer 2-acetamido-2-deoxy-beta-D-glucopyranose
#
loop_
_entity_poly.entity_id
_entity_poly.type
_entity_poly.pdbx_seq_one_letter_code
_entity_poly.pdbx_strand_id
1 'polypeptide(L)'
;GSHSLRYFSTAVSRPGRGEPRYIAVEYVDDTQFLRFDSDAAIPRMEPREPWVEQEGPQYWEWTTGYAKANAQTDRVALRN
LLRRYNQSEAGSHTLQGMNGCDMGPDGRLLRGYHQHAYDGKDYISLNEDLRSWTAADTVAQITQRFYEAEEYAEEFRTYL
EGECLELLRRYLENGKETLQRADPPKAHVAHHPISDHEATLRCWALGFYPAEITLTWQRDGEEQTQDTELVETRPAGDGT
FQKWAAVVVPSGEEQRYTCHVQHEGLPQPLILRWEQSPQPTIPI
;
A
2 'polypeptide(L)'
;MLLVNQSHQGFNKEHTSKMVSAIVLYVLLAAAAHSAFAADLHHHHHHHHGSGGLEVLFQGPEFGGSADPIQRTPKIQVYS
RHPAENGKSNFLNCYVSGFHPSDIEVDLLKNGERIEKVEHSDLSFSKDWSFYLLYYTEFTPTEKDEYACRVNHVTLSQPK
IVKWDRDMGGGGSGGSGSGGGS
;
B
3 'polypeptide(L)'
;MLLVNQSHQGFNKEHTSKMVSAIVLYVLLAAAAHSAFAADLHHHHHHHHGSGGLEVLFQGPEFGGSADLGHLPKPTLWAE
PGSVITQGSPVTLRCQGGQETQEYRLYREKKTALWITRIPQELVKKGQFPIPSITWEHAGRYRCYYGSDTAGRSESSDPL
ELVVTGAYIKPTLSAQPSPVVNSGGNVILQCDSQVAFDGFSLCKEGEDEHPQCLNSQPHARGSSRAIFSVGPVSPSRRWW
YRCYAYDSNSPYEWSLPSDLLELLVLG
;
D
4 'polypeptide(L)' ILRWEQ N
#
loop_
_chem_comp.id
_chem_comp.type
_chem_comp.name
_chem_comp.formula
NAG D-saccharide, beta linking 2-acetamido-2-deoxy-beta-D-glucopyranose 'C8 H15 N O6'
#
# COMPACT_ATOMS: atom_id res chain seq x y z
N GLY A 1 -28.05 3.26 -3.07
CA GLY A 1 -28.51 2.40 -4.14
C GLY A 1 -28.32 0.92 -3.86
N SER A 2 -27.42 0.29 -4.59
CA SER A 2 -27.15 -1.12 -4.41
C SER A 2 -26.35 -1.36 -3.12
N HIS A 3 -26.43 -2.58 -2.62
CA HIS A 3 -25.76 -2.98 -1.39
C HIS A 3 -25.17 -4.37 -1.58
N SER A 4 -24.26 -4.73 -0.68
CA SER A 4 -23.55 -6.00 -0.78
C SER A 4 -23.46 -6.64 0.61
N LEU A 5 -23.36 -7.97 0.61
CA LEU A 5 -23.15 -8.73 1.84
C LEU A 5 -22.04 -9.74 1.59
N ARG A 6 -20.96 -9.64 2.36
CA ARG A 6 -19.77 -10.43 2.09
C ARG A 6 -19.18 -10.99 3.39
N TYR A 7 -18.63 -12.20 3.29
CA TYR A 7 -17.95 -12.86 4.39
C TYR A 7 -16.57 -13.30 3.93
N PHE A 8 -15.55 -13.01 4.73
CA PHE A 8 -14.19 -13.40 4.42
C PHE A 8 -13.75 -14.59 5.27
N SER A 9 -12.57 -15.10 4.97
CA SER A 9 -11.91 -16.09 5.80
C SER A 9 -10.40 -16.01 5.58
N THR A 10 -9.64 -16.16 6.66
CA THR A 10 -8.19 -16.20 6.59
C THR A 10 -7.65 -17.18 7.62
N ALA A 11 -6.70 -18.03 7.20
CA ALA A 11 -6.07 -18.99 8.10
C ALA A 11 -4.57 -19.04 7.82
N VAL A 12 -3.77 -18.81 8.86
CA VAL A 12 -2.31 -18.81 8.73
C VAL A 12 -1.71 -19.79 9.73
N SER A 13 -0.94 -20.75 9.23
CA SER A 13 -0.39 -21.78 10.09
C SER A 13 0.85 -21.28 10.83
N ARG A 14 1.02 -21.77 12.06
CA ARG A 14 2.21 -21.49 12.86
C ARG A 14 2.98 -22.78 13.08
N PRO A 15 4.18 -22.93 12.50
CA PRO A 15 4.93 -24.18 12.68
C PRO A 15 5.43 -24.33 14.12
N GLY A 16 5.17 -25.50 14.70
CA GLY A 16 5.71 -25.86 16.01
C GLY A 16 5.13 -25.10 17.18
N ARG A 17 4.35 -24.05 16.95
CA ARG A 17 3.77 -23.23 18.00
C ARG A 17 2.34 -23.64 18.33
N GLY A 18 1.85 -24.74 17.77
CA GLY A 18 0.49 -25.20 17.99
C GLY A 18 -0.38 -25.00 16.76
N GLU A 19 -1.68 -25.18 16.97
CA GLU A 19 -2.63 -25.23 15.87
C GLU A 19 -2.62 -23.93 15.08
N PRO A 20 -3.00 -23.98 13.80
CA PRO A 20 -2.98 -22.77 12.97
C PRO A 20 -3.93 -21.69 13.47
N ARG A 21 -3.59 -20.46 13.13
CA ARG A 21 -4.41 -19.28 13.41
C ARG A 21 -5.54 -19.17 12.40
N TYR A 22 -6.72 -18.76 12.87
CA TYR A 22 -7.87 -18.57 12.01
C TYR A 22 -8.63 -17.33 12.42
N ILE A 23 -8.97 -16.48 11.46
CA ILE A 23 -9.78 -15.30 11.73
C ILE A 23 -10.64 -15.01 10.51
N ALA A 24 -11.88 -14.59 10.75
CA ALA A 24 -12.84 -14.31 9.69
C ALA A 24 -13.80 -13.22 10.16
N VAL A 25 -14.26 -12.41 9.21
CA VAL A 25 -15.15 -11.29 9.50
C VAL A 25 -16.25 -11.22 8.44
N GLU A 26 -17.34 -10.55 8.80
CA GLU A 26 -18.49 -10.33 7.93
C GLU A 26 -18.70 -8.84 7.73
N TYR A 27 -18.54 -8.39 6.48
CA TYR A 27 -18.84 -7.03 6.10
C TYR A 27 -20.19 -6.96 5.40
N VAL A 28 -21.05 -6.07 5.87
CA VAL A 28 -22.17 -5.58 5.09
C VAL A 28 -21.76 -4.23 4.51
N ASP A 29 -21.88 -4.09 3.19
CA ASP A 29 -21.29 -2.96 2.49
C ASP A 29 -19.83 -2.81 2.90
N ASP A 30 -19.47 -1.64 3.43
CA ASP A 30 -18.11 -1.36 3.86
C ASP A 30 -17.88 -1.53 5.36
N THR A 31 -18.88 -1.97 6.12
CA THR A 31 -18.80 -2.04 7.57
C THR A 31 -18.92 -3.48 8.04
N GLN A 32 -17.97 -3.91 8.88
CA GLN A 32 -18.01 -5.26 9.45
C GLN A 32 -18.92 -5.28 10.66
N PHE A 33 -19.92 -6.14 10.66
CA PHE A 33 -20.85 -6.23 11.78
C PHE A 33 -20.57 -7.39 12.74
N LEU A 34 -19.56 -8.22 12.46
CA LEU A 34 -19.24 -9.36 13.32
C LEU A 34 -17.76 -9.65 13.26
N ARG A 35 -17.28 -10.41 14.24
CA ARG A 35 -15.90 -10.90 14.24
C ARG A 35 -15.86 -12.31 14.81
N PHE A 36 -14.84 -13.07 14.38
CA PHE A 36 -14.55 -14.39 14.97
C PHE A 36 -13.04 -14.49 15.12
N ASP A 37 -12.57 -14.78 16.33
CA ASP A 37 -11.15 -14.79 16.63
C ASP A 37 -10.82 -16.11 17.34
N SER A 38 -9.91 -16.89 16.75
CA SER A 38 -9.58 -18.21 17.27
C SER A 38 -8.73 -18.11 18.54
N ASP A 39 -7.62 -17.38 18.47
CA ASP A 39 -6.68 -17.36 19.58
C ASP A 39 -7.11 -16.46 20.74
N ALA A 40 -8.15 -15.65 20.57
CA ALA A 40 -8.64 -14.85 21.67
C ALA A 40 -9.37 -15.72 22.69
N ALA A 41 -9.48 -15.20 23.91
CA ALA A 41 -10.23 -15.89 24.94
C ALA A 41 -11.71 -15.97 24.57
N ILE A 42 -12.39 -16.95 25.15
CA ILE A 42 -13.79 -17.29 24.89
C ILE A 42 -14.15 -17.11 23.41
N PRO A 43 -13.59 -17.92 22.51
CA PRO A 43 -13.86 -17.75 21.08
C PRO A 43 -15.34 -17.95 20.76
N ARG A 44 -15.90 -17.00 20.02
CA ARG A 44 -17.30 -17.03 19.60
C ARG A 44 -17.46 -15.98 18.50
N MET A 45 -18.70 -15.76 18.07
CA MET A 45 -19.01 -14.71 17.11
C MET A 45 -19.39 -13.46 17.89
N GLU A 46 -18.55 -12.43 17.84
CA GLU A 46 -18.79 -11.24 18.62
C GLU A 46 -19.35 -10.13 17.75
N PRO A 47 -20.47 -9.52 18.13
CA PRO A 47 -21.03 -8.42 17.34
C PRO A 47 -20.13 -7.20 17.40
N ARG A 48 -19.84 -6.62 16.23
CA ARG A 48 -19.04 -5.42 16.13
C ARG A 48 -19.87 -4.15 15.99
N GLU A 49 -21.19 -4.27 15.91
CA GLU A 49 -22.04 -3.10 15.74
C GLU A 49 -23.22 -3.13 16.70
N PRO A 50 -23.55 -1.99 17.30
CA PRO A 50 -24.65 -1.98 18.29
C PRO A 50 -25.96 -2.50 17.75
N TRP A 51 -26.28 -2.18 16.49
CA TRP A 51 -27.56 -2.61 15.92
C TRP A 51 -27.66 -4.12 15.80
N VAL A 52 -26.54 -4.84 15.77
CA VAL A 52 -26.60 -6.30 15.72
C VAL A 52 -26.44 -6.93 17.10
N GLU A 53 -26.24 -6.11 18.14
CA GLU A 53 -26.09 -6.63 19.49
C GLU A 53 -27.42 -6.99 20.15
N GLN A 54 -28.55 -6.69 19.51
CA GLN A 54 -29.87 -6.99 20.06
C GLN A 54 -30.46 -8.28 19.51
N GLU A 55 -29.73 -9.02 18.69
CA GLU A 55 -30.25 -10.24 18.11
C GLU A 55 -30.44 -11.32 19.17
N GLY A 56 -31.31 -12.29 18.85
CA GLY A 56 -31.62 -13.36 19.75
C GLY A 56 -30.47 -14.32 19.95
N PRO A 57 -30.55 -15.17 20.98
CA PRO A 57 -29.46 -16.12 21.24
C PRO A 57 -29.32 -17.19 20.18
N GLN A 58 -30.43 -17.63 19.57
CA GLN A 58 -30.35 -18.64 18.52
C GLN A 58 -29.58 -18.14 17.31
N TYR A 59 -29.69 -16.85 16.99
CA TYR A 59 -28.92 -16.28 15.90
C TYR A 59 -27.43 -16.24 16.22
N TRP A 60 -27.10 -15.84 17.45
CA TRP A 60 -25.69 -15.75 17.84
C TRP A 60 -25.03 -17.13 17.89
N GLU A 61 -25.76 -18.14 18.38
CA GLU A 61 -25.24 -19.50 18.32
C GLU A 61 -25.13 -19.99 16.88
N TRP A 62 -26.12 -19.64 16.05
CA TRP A 62 -26.07 -19.95 14.63
C TRP A 62 -24.80 -19.41 13.99
N THR A 63 -24.42 -18.18 14.33
CA THR A 63 -23.21 -17.59 13.76
C THR A 63 -21.95 -18.15 14.40
N THR A 64 -22.02 -18.54 15.67
CA THR A 64 -20.84 -19.08 16.35
C THR A 64 -20.46 -20.45 15.79
N GLY A 65 -21.42 -21.38 15.76
CA GLY A 65 -21.15 -22.67 15.16
C GLY A 65 -20.96 -22.57 13.65
N TYR A 66 -21.73 -21.68 13.02
CA TYR A 66 -21.56 -21.40 11.59
C TYR A 66 -20.12 -21.00 11.28
N ALA A 67 -19.48 -20.25 12.17
CA ALA A 67 -18.08 -19.91 11.99
C ALA A 67 -17.15 -21.05 12.41
N LYS A 68 -17.56 -21.84 13.41
CA LYS A 68 -16.71 -22.93 13.89
C LYS A 68 -16.49 -23.99 12.81
N ALA A 69 -17.57 -24.42 12.15
CA ALA A 69 -17.45 -25.45 11.12
C ALA A 69 -16.55 -24.98 9.99
N ASN A 70 -16.78 -23.75 9.50
CA ASN A 70 -15.92 -23.20 8.46
C ASN A 70 -14.47 -23.12 8.93
N ALA A 71 -14.27 -22.80 10.21
CA ALA A 71 -12.92 -22.73 10.77
C ALA A 71 -12.22 -24.08 10.68
N GLN A 72 -12.90 -25.15 11.12
CA GLN A 72 -12.28 -26.47 11.08
C GLN A 72 -12.03 -26.93 9.65
N THR A 73 -12.99 -26.69 8.75
CA THR A 73 -12.83 -27.09 7.35
C THR A 73 -11.65 -26.39 6.71
N ASP A 74 -11.53 -25.07 6.90
CA ASP A 74 -10.38 -24.34 6.36
C ASP A 74 -9.08 -24.80 7.02
N ARG A 75 -9.14 -25.22 8.29
CA ARG A 75 -7.93 -25.65 8.99
C ARG A 75 -7.41 -26.96 8.39
N VAL A 76 -8.28 -27.97 8.29
CA VAL A 76 -7.84 -29.24 7.71
C VAL A 76 -7.51 -29.07 6.23
N ALA A 77 -8.20 -28.16 5.53
CA ALA A 77 -7.84 -27.86 4.15
C ALA A 77 -6.43 -27.30 4.06
N LEU A 78 -6.06 -26.45 5.02
CA LEU A 78 -4.67 -25.99 5.09
C LEU A 78 -3.72 -27.14 5.36
N ARG A 79 -4.10 -28.05 6.25
CA ARG A 79 -3.27 -29.22 6.55
C ARG A 79 -2.99 -30.04 5.30
N ASN A 80 -4.01 -30.69 4.74
CA ASN A 80 -3.77 -31.58 3.61
C ASN A 80 -3.36 -30.83 2.36
N LEU A 81 -3.62 -29.53 2.28
CA LEU A 81 -3.15 -28.74 1.15
C LEU A 81 -1.67 -28.38 1.29
N LEU A 82 -1.13 -28.35 2.50
CA LEU A 82 0.30 -28.14 2.69
C LEU A 82 1.11 -29.23 2.00
N ARG A 83 0.84 -30.49 2.33
CA ARG A 83 1.59 -31.62 1.78
C ARG A 83 1.38 -31.81 0.28
N ARG A 84 0.42 -31.13 -0.34
CA ARG A 84 0.09 -31.49 -1.71
C ARG A 84 1.17 -31.07 -2.68
N TYR A 85 1.68 -29.84 -2.56
CA TYR A 85 2.82 -29.42 -3.37
C TYR A 85 4.02 -29.16 -2.46
N ASN A 86 4.92 -30.16 -2.39
CA ASN A 86 6.34 -30.02 -2.09
C ASN A 86 6.68 -28.94 -1.07
N GLN A 87 6.28 -29.11 0.19
CA GLN A 87 6.74 -28.19 1.21
C GLN A 87 6.92 -28.92 2.53
N SER A 88 8.04 -28.64 3.20
CA SER A 88 8.23 -29.12 4.57
C SER A 88 7.34 -28.33 5.52
N GLU A 89 6.91 -29.01 6.60
CA GLU A 89 5.93 -28.44 7.51
C GLU A 89 6.45 -27.23 8.28
N ALA A 90 7.74 -26.91 8.19
CA ALA A 90 8.30 -25.79 8.94
C ALA A 90 7.89 -24.44 8.38
N GLY A 91 7.23 -24.39 7.23
CA GLY A 91 6.86 -23.13 6.62
C GLY A 91 5.53 -22.60 7.12
N SER A 92 5.41 -21.27 7.11
CA SER A 92 4.18 -20.58 7.50
C SER A 92 3.39 -20.24 6.23
N HIS A 93 2.22 -20.85 6.09
CA HIS A 93 1.38 -20.64 4.92
C HIS A 93 0.04 -20.06 5.34
N THR A 94 -0.62 -19.42 4.38
CA THR A 94 -1.89 -18.73 4.60
C THR A 94 -2.85 -19.07 3.48
N LEU A 95 -4.13 -19.22 3.82
CA LEU A 95 -5.19 -19.38 2.84
C LEU A 95 -6.28 -18.35 3.11
N GLN A 96 -6.94 -17.91 2.04
CA GLN A 96 -7.97 -16.90 2.10
C GLN A 96 -9.20 -17.38 1.35
N GLY A 97 -10.36 -16.87 1.76
CA GLY A 97 -11.61 -17.19 1.08
C GLY A 97 -12.58 -16.04 1.18
N MET A 98 -13.52 -16.02 0.25
CA MET A 98 -14.48 -14.92 0.13
C MET A 98 -15.79 -15.45 -0.42
N ASN A 99 -16.90 -14.94 0.12
CA ASN A 99 -18.21 -15.22 -0.47
C ASN A 99 -19.14 -14.05 -0.17
N GLY A 100 -20.35 -14.12 -0.71
CA GLY A 100 -21.34 -13.10 -0.49
C GLY A 100 -22.27 -12.98 -1.69
N CYS A 101 -23.16 -11.99 -1.61
CA CYS A 101 -24.05 -11.67 -2.72
C CYS A 101 -24.21 -10.16 -2.81
N ASP A 102 -24.70 -9.70 -3.96
CA ASP A 102 -24.93 -8.28 -4.22
C ASP A 102 -26.40 -8.08 -4.56
N MET A 103 -27.06 -7.18 -3.84
CA MET A 103 -28.46 -6.87 -4.06
C MET A 103 -28.58 -5.44 -4.59
N GLY A 104 -29.56 -5.23 -5.47
CA GLY A 104 -29.84 -3.92 -5.98
C GLY A 104 -31.04 -3.29 -5.31
N PRO A 105 -31.41 -2.08 -5.73
CA PRO A 105 -32.61 -1.43 -5.16
C PRO A 105 -33.88 -2.22 -5.40
N ASP A 106 -33.94 -3.06 -6.43
CA ASP A 106 -35.14 -3.83 -6.71
C ASP A 106 -35.33 -4.97 -5.71
N GLY A 107 -34.28 -5.37 -5.00
CA GLY A 107 -34.36 -6.48 -4.08
C GLY A 107 -33.96 -7.83 -4.65
N ARG A 108 -33.36 -7.85 -5.83
CA ARG A 108 -32.93 -9.07 -6.47
C ARG A 108 -31.41 -9.24 -6.34
N LEU A 109 -30.90 -10.31 -6.91
CA LEU A 109 -29.48 -10.63 -6.87
C LEU A 109 -28.79 -10.11 -8.12
N LEU A 110 -27.55 -9.65 -7.96
CA LEU A 110 -26.76 -9.20 -9.10
C LEU A 110 -25.75 -10.26 -9.51
N ARG A 111 -24.68 -10.41 -8.71
CA ARG A 111 -23.68 -11.44 -8.95
C ARG A 111 -23.23 -12.00 -7.62
N GLY A 112 -23.20 -13.33 -7.52
CA GLY A 112 -22.72 -13.97 -6.32
C GLY A 112 -21.21 -14.08 -6.28
N TYR A 113 -20.68 -14.25 -5.08
CA TYR A 113 -19.23 -14.34 -4.87
C TYR A 113 -18.92 -15.61 -4.09
N HIS A 114 -18.25 -16.56 -4.75
CA HIS A 114 -17.61 -17.69 -4.10
C HIS A 114 -16.22 -17.80 -4.70
N GLN A 115 -15.19 -17.54 -3.88
CA GLN A 115 -13.81 -17.53 -4.34
C GLN A 115 -12.92 -18.02 -3.22
N HIS A 116 -11.85 -18.73 -3.60
CA HIS A 116 -10.88 -19.25 -2.66
C HIS A 116 -9.49 -19.14 -3.25
N ALA A 117 -8.53 -18.85 -2.38
CA ALA A 117 -7.14 -18.62 -2.76
C ALA A 117 -6.22 -19.21 -1.69
N TYR A 118 -5.05 -19.65 -2.11
CA TYR A 118 -4.06 -20.22 -1.21
C TYR A 118 -2.73 -19.52 -1.38
N ASP A 119 -2.25 -18.89 -0.31
CA ASP A 119 -0.90 -18.34 -0.24
C ASP A 119 -0.64 -17.32 -1.35
N GLY A 120 -1.59 -16.40 -1.50
CA GLY A 120 -1.47 -15.33 -2.46
C GLY A 120 -1.44 -15.77 -3.91
N LYS A 121 -2.48 -16.51 -4.30
CA LYS A 121 -2.71 -16.94 -5.67
C LYS A 121 -4.21 -16.92 -5.87
N ASP A 122 -4.67 -17.56 -6.95
CA ASP A 122 -6.08 -17.88 -7.09
C ASP A 122 -6.23 -19.39 -7.11
N TYR A 123 -7.20 -19.90 -6.35
CA TYR A 123 -7.49 -21.33 -6.33
C TYR A 123 -8.74 -21.65 -7.14
N ILE A 124 -9.91 -21.18 -6.72
CA ILE A 124 -11.15 -21.51 -7.42
C ILE A 124 -12.10 -20.32 -7.31
N SER A 125 -12.94 -20.15 -8.33
CA SER A 125 -13.94 -19.09 -8.29
C SER A 125 -15.15 -19.50 -9.10
N LEU A 126 -16.33 -19.05 -8.67
CA LEU A 126 -17.52 -19.28 -9.48
C LEU A 126 -17.53 -18.37 -10.69
N ASN A 127 -18.31 -18.76 -11.69
CA ASN A 127 -18.48 -17.96 -12.90
C ASN A 127 -19.71 -17.08 -12.78
N GLU A 128 -19.96 -16.27 -13.80
CA GLU A 128 -21.16 -15.42 -13.81
C GLU A 128 -22.43 -16.25 -13.90
N ASP A 129 -22.35 -17.47 -14.41
CA ASP A 129 -23.50 -18.36 -14.47
C ASP A 129 -23.73 -19.08 -13.14
N LEU A 130 -22.74 -19.07 -12.24
CA LEU A 130 -22.86 -19.68 -10.91
C LEU A 130 -23.10 -21.19 -10.99
N ARG A 131 -22.59 -21.82 -12.05
CA ARG A 131 -22.63 -23.28 -12.17
C ARG A 131 -21.23 -23.83 -12.32
N SER A 132 -20.59 -23.65 -13.47
CA SER A 132 -19.20 -24.04 -13.62
C SER A 132 -18.29 -23.05 -12.91
N TRP A 133 -17.18 -23.56 -12.37
CA TRP A 133 -16.23 -22.75 -11.64
C TRP A 133 -14.86 -22.85 -12.32
N THR A 134 -14.16 -21.72 -12.39
CA THR A 134 -12.82 -21.68 -12.95
C THR A 134 -11.78 -21.99 -11.88
N ALA A 135 -10.76 -22.72 -12.29
CA ALA A 135 -9.63 -23.12 -11.47
C ALA A 135 -8.36 -22.46 -11.98
N ALA A 136 -7.25 -22.70 -11.29
CA ALA A 136 -5.99 -22.09 -11.70
C ALA A 136 -4.85 -23.10 -11.77
N ASP A 137 -4.37 -23.59 -10.63
CA ASP A 137 -3.22 -24.47 -10.58
C ASP A 137 -3.66 -25.92 -10.76
N THR A 138 -2.68 -26.83 -10.78
CA THR A 138 -2.98 -28.25 -10.96
C THR A 138 -3.68 -28.85 -9.75
N VAL A 139 -3.61 -28.20 -8.60
CA VAL A 139 -4.37 -28.64 -7.43
C VAL A 139 -5.83 -28.23 -7.54
N ALA A 140 -6.14 -27.22 -8.34
CA ALA A 140 -7.46 -26.60 -8.31
C ALA A 140 -8.51 -27.38 -9.10
N GLN A 141 -8.12 -28.13 -10.13
CA GLN A 141 -9.15 -28.79 -10.94
C GLN A 141 -9.60 -30.14 -10.36
N ILE A 142 -8.85 -30.72 -9.43
CA ILE A 142 -9.34 -31.93 -8.77
C ILE A 142 -10.41 -31.59 -7.74
N THR A 143 -10.17 -30.53 -6.95
CA THR A 143 -11.25 -30.01 -6.12
C THR A 143 -12.35 -29.39 -6.97
N GLN A 144 -12.03 -28.94 -8.19
CA GLN A 144 -13.08 -28.63 -9.15
C GLN A 144 -13.92 -29.85 -9.46
N ARG A 145 -13.30 -31.03 -9.56
CA ARG A 145 -14.07 -32.24 -9.81
C ARG A 145 -14.92 -32.62 -8.60
N PHE A 146 -14.38 -32.41 -7.39
CA PHE A 146 -15.20 -32.67 -6.20
C PHE A 146 -16.39 -31.72 -6.10
N TYR A 147 -16.18 -30.42 -6.37
CA TYR A 147 -17.31 -29.49 -6.39
C TYR A 147 -18.29 -29.82 -7.52
N GLU A 148 -17.80 -30.38 -8.62
CA GLU A 148 -18.73 -30.85 -9.65
C GLU A 148 -19.56 -32.02 -9.13
N ALA A 149 -18.95 -32.94 -8.39
CA ALA A 149 -19.69 -34.09 -7.88
C ALA A 149 -20.75 -33.66 -6.87
N GLU A 150 -20.43 -32.70 -6.00
CA GLU A 150 -21.37 -32.27 -4.98
C GLU A 150 -22.50 -31.41 -5.56
N GLU A 151 -22.33 -30.87 -6.77
CA GLU A 151 -23.29 -29.94 -7.37
C GLU A 151 -23.50 -28.73 -6.47
N TYR A 152 -22.46 -28.31 -5.76
CA TYR A 152 -22.57 -27.27 -4.75
C TYR A 152 -22.97 -25.91 -5.32
N ALA A 153 -22.76 -25.70 -6.63
CA ALA A 153 -23.02 -24.40 -7.21
C ALA A 153 -24.49 -24.04 -7.16
N GLU A 154 -25.39 -25.02 -7.30
CA GLU A 154 -26.81 -24.74 -7.24
C GLU A 154 -27.29 -24.53 -5.80
N GLU A 155 -26.75 -25.31 -4.86
CA GLU A 155 -27.14 -25.16 -3.46
C GLU A 155 -26.71 -23.80 -2.92
N PHE A 156 -25.42 -23.48 -3.03
CA PHE A 156 -24.97 -22.16 -2.62
C PHE A 156 -25.55 -21.07 -3.50
N ARG A 157 -25.95 -21.41 -4.73
CA ARG A 157 -26.71 -20.48 -5.57
C ARG A 157 -28.03 -20.11 -4.91
N THR A 158 -28.72 -21.10 -4.32
CA THR A 158 -29.97 -20.82 -3.63
C THR A 158 -29.74 -20.03 -2.35
N TYR A 159 -28.71 -20.42 -1.57
CA TYR A 159 -28.41 -19.70 -0.34
C TYR A 159 -28.04 -18.23 -0.63
N LEU A 160 -27.36 -17.97 -1.74
CA LEU A 160 -27.16 -16.59 -2.15
C LEU A 160 -28.34 -16.05 -2.94
N GLU A 161 -29.34 -16.87 -3.21
CA GLU A 161 -30.50 -16.43 -3.99
C GLU A 161 -31.55 -15.85 -3.06
N GLY A 162 -32.23 -16.70 -2.29
CA GLY A 162 -33.29 -16.20 -1.43
C GLY A 162 -32.86 -15.76 -0.05
N GLU A 163 -31.84 -16.43 0.51
CA GLU A 163 -31.56 -16.26 1.93
C GLU A 163 -30.70 -15.02 2.22
N CYS A 164 -29.66 -14.78 1.43
CA CYS A 164 -28.80 -13.64 1.73
C CYS A 164 -29.52 -12.33 1.51
N LEU A 165 -30.60 -12.34 0.72
CA LEU A 165 -31.46 -11.17 0.63
C LEU A 165 -32.25 -10.96 1.91
N GLU A 166 -32.56 -12.05 2.62
CA GLU A 166 -33.23 -11.92 3.91
C GLU A 166 -32.25 -11.45 4.98
N LEU A 167 -31.03 -11.98 4.98
CA LEU A 167 -30.02 -11.50 5.91
C LEU A 167 -29.70 -10.03 5.65
N LEU A 168 -29.41 -9.69 4.40
CA LEU A 168 -29.07 -8.31 4.06
C LEU A 168 -30.24 -7.38 4.32
N ARG A 169 -31.47 -7.81 4.02
CA ARG A 169 -32.64 -6.98 4.29
C ARG A 169 -32.82 -6.77 5.78
N ARG A 170 -32.57 -7.81 6.58
CA ARG A 170 -32.67 -7.68 8.04
C ARG A 170 -31.63 -6.70 8.56
N TYR A 171 -30.40 -6.79 8.06
CA TYR A 171 -29.35 -5.87 8.51
C TYR A 171 -29.65 -4.43 8.09
N LEU A 172 -30.12 -4.24 6.86
CA LEU A 172 -30.46 -2.90 6.39
C LEU A 172 -31.62 -2.32 7.18
N GLU A 173 -32.58 -3.16 7.57
CA GLU A 173 -33.71 -2.67 8.35
C GLU A 173 -33.28 -2.31 9.77
N ASN A 174 -32.45 -3.15 10.39
CA ASN A 174 -31.97 -2.83 11.74
C ASN A 174 -30.94 -1.71 11.71
N GLY A 175 -30.11 -1.66 10.66
CA GLY A 175 -29.03 -0.70 10.57
C GLY A 175 -29.30 0.47 9.65
N LYS A 176 -30.57 0.80 9.43
CA LYS A 176 -30.92 1.85 8.47
C LYS A 176 -30.22 3.17 8.77
N GLU A 177 -30.05 3.49 10.06
CA GLU A 177 -29.35 4.71 10.42
C GLU A 177 -27.85 4.62 10.16
N THR A 178 -27.35 3.46 9.76
CA THR A 178 -25.94 3.23 9.47
C THR A 178 -25.77 2.64 8.08
N LEU A 179 -26.38 1.49 7.83
CA LEU A 179 -26.22 0.82 6.54
C LEU A 179 -26.82 1.63 5.40
N GLN A 180 -27.91 2.35 5.64
CA GLN A 180 -28.60 3.08 4.59
C GLN A 180 -28.12 4.53 4.44
N ARG A 181 -27.13 4.96 5.22
CA ARG A 181 -26.68 6.34 5.14
C ARG A 181 -25.79 6.55 3.92
N ALA A 182 -25.71 7.81 3.49
CA ALA A 182 -24.72 8.26 2.51
C ALA A 182 -24.08 9.52 3.06
N ASP A 183 -22.77 9.46 3.33
CA ASP A 183 -22.07 10.56 3.94
C ASP A 183 -21.27 11.31 2.89
N PRO A 184 -21.61 12.58 2.59
CA PRO A 184 -20.84 13.32 1.61
C PRO A 184 -19.50 13.74 2.19
N PRO A 185 -18.46 13.84 1.37
CA PRO A 185 -17.14 14.18 1.89
C PRO A 185 -17.00 15.65 2.22
N LYS A 186 -15.99 15.94 3.04
CA LYS A 186 -15.50 17.29 3.30
C LYS A 186 -14.21 17.47 2.52
N ALA A 187 -14.24 18.29 1.49
CA ALA A 187 -13.15 18.37 0.53
C ALA A 187 -12.62 19.80 0.45
N HIS A 188 -11.30 19.93 0.32
CA HIS A 188 -10.67 21.23 0.13
C HIS A 188 -9.37 21.04 -0.66
N VAL A 189 -8.68 22.13 -0.90
CA VAL A 189 -7.45 22.15 -1.69
C VAL A 189 -6.34 22.75 -0.85
N ALA A 190 -5.19 22.09 -0.80
CA ALA A 190 -4.03 22.55 -0.07
C ALA A 190 -2.90 22.89 -1.05
N HIS A 191 -2.17 23.96 -0.77
CA HIS A 191 -1.11 24.46 -1.63
C HIS A 191 0.22 24.41 -0.89
N HIS A 192 1.13 23.59 -1.37
CA HIS A 192 2.48 23.52 -0.80
C HIS A 192 3.49 23.95 -1.85
N PRO A 193 4.13 25.11 -1.71
CA PRO A 193 5.13 25.51 -2.71
C PRO A 193 6.31 24.55 -2.68
N ILE A 194 6.61 23.97 -3.84
CA ILE A 194 7.69 22.99 -3.90
C ILE A 194 9.03 23.66 -4.13
N SER A 195 9.06 24.72 -4.93
CA SER A 195 10.28 25.34 -5.40
C SER A 195 9.95 26.74 -5.89
N ASP A 196 10.93 27.38 -6.53
CA ASP A 196 10.68 28.66 -7.16
C ASP A 196 9.84 28.45 -8.42
N HIS A 197 8.77 29.24 -8.54
CA HIS A 197 7.76 29.11 -9.60
C HIS A 197 7.32 27.67 -9.81
N GLU A 198 7.20 26.90 -8.73
CA GLU A 198 6.58 25.58 -8.82
C GLU A 198 5.99 25.20 -7.47
N ALA A 199 4.84 24.52 -7.51
CA ALA A 199 4.14 24.15 -6.29
C ALA A 199 3.40 22.84 -6.50
N THR A 200 2.71 22.38 -5.46
CA THR A 200 1.90 21.18 -5.53
C THR A 200 0.56 21.43 -4.85
N LEU A 201 -0.48 20.81 -5.39
CA LEU A 201 -1.85 20.96 -4.89
C LEU A 201 -2.39 19.61 -4.47
N ARG A 202 -2.94 19.55 -3.25
CA ARG A 202 -3.56 18.36 -2.71
C ARG A 202 -5.07 18.55 -2.64
N CYS A 203 -5.81 17.52 -3.04
CA CYS A 203 -7.26 17.53 -2.98
C CYS A 203 -7.68 16.58 -1.87
N TRP A 204 -8.22 17.13 -0.79
CA TRP A 204 -8.58 16.38 0.41
C TRP A 204 -10.08 16.11 0.43
N ALA A 205 -10.44 14.83 0.44
CA ALA A 205 -11.82 14.38 0.64
C ALA A 205 -11.86 13.55 1.91
N LEU A 206 -12.59 14.04 2.92
CA LEU A 206 -12.58 13.49 4.25
C LEU A 206 -13.97 12.99 4.63
N GLY A 207 -14.01 12.03 5.55
CA GLY A 207 -15.26 11.60 6.17
C GLY A 207 -16.40 11.24 5.25
N PHE A 208 -16.16 10.32 4.31
CA PHE A 208 -17.18 9.93 3.34
C PHE A 208 -17.46 8.44 3.47
N TYR A 209 -18.74 8.09 3.31
CA TYR A 209 -19.16 6.69 3.27
C TYR A 209 -20.21 6.53 2.18
N PRO A 210 -20.16 5.42 1.42
CA PRO A 210 -19.19 4.32 1.42
C PRO A 210 -17.80 4.71 0.93
N ALA A 211 -16.92 3.72 0.79
CA ALA A 211 -15.54 3.99 0.39
C ALA A 211 -15.42 4.37 -1.08
N GLU A 212 -16.39 4.02 -1.91
CA GLU A 212 -16.34 4.35 -3.32
C GLU A 212 -16.34 5.86 -3.52
N ILE A 213 -15.32 6.37 -4.21
CA ILE A 213 -15.21 7.80 -4.49
C ILE A 213 -14.28 7.96 -5.68
N THR A 214 -14.37 9.11 -6.35
CA THR A 214 -13.50 9.42 -7.48
C THR A 214 -12.99 10.84 -7.34
N LEU A 215 -11.67 11.00 -7.39
CA LEU A 215 -11.02 12.32 -7.39
C LEU A 215 -10.25 12.48 -8.69
N THR A 216 -10.57 13.54 -9.43
CA THR A 216 -9.89 13.79 -10.70
C THR A 216 -9.54 15.26 -10.81
N TRP A 217 -8.25 15.57 -10.92
CA TRP A 217 -7.81 16.92 -11.24
C TRP A 217 -7.97 17.18 -12.74
N GLN A 218 -8.32 18.42 -13.07
CA GLN A 218 -8.37 18.84 -14.47
C GLN A 218 -7.79 20.23 -14.60
N ARG A 219 -6.99 20.45 -15.64
CA ARG A 219 -6.56 21.79 -16.03
C ARG A 219 -7.36 22.20 -17.26
N ASP A 220 -8.11 23.30 -17.13
CA ASP A 220 -8.91 23.83 -18.23
C ASP A 220 -9.89 22.79 -18.78
N GLY A 221 -10.30 21.85 -17.93
CA GLY A 221 -11.25 20.82 -18.31
C GLY A 221 -10.64 19.49 -18.70
N GLU A 222 -9.37 19.49 -19.10
CA GLU A 222 -8.68 18.26 -19.50
C GLU A 222 -8.11 17.54 -18.30
N GLU A 223 -8.28 16.21 -18.26
CA GLU A 223 -7.85 15.44 -17.11
C GLU A 223 -6.34 15.25 -17.10
N GLN A 224 -5.79 15.23 -15.89
CA GLN A 224 -4.36 15.10 -15.61
C GLN A 224 -3.94 13.65 -15.37
N THR A 225 -4.79 12.68 -15.69
CA THR A 225 -4.69 11.30 -15.22
C THR A 225 -3.28 10.73 -15.25
N GLN A 226 -2.49 11.06 -16.28
CA GLN A 226 -1.11 10.59 -16.28
C GLN A 226 -0.27 11.30 -15.20
N ASP A 227 -0.57 12.56 -14.91
CA ASP A 227 0.20 13.34 -13.95
C ASP A 227 -0.36 13.29 -12.54
N THR A 228 -1.56 12.76 -12.33
CA THR A 228 -2.18 12.78 -11.02
C THR A 228 -1.63 11.67 -10.14
N GLU A 229 -1.68 11.90 -8.83
CA GLU A 229 -1.16 10.96 -7.84
C GLU A 229 -2.28 10.62 -6.86
N LEU A 230 -2.66 9.34 -6.82
CA LEU A 230 -3.70 8.86 -5.93
C LEU A 230 -3.10 7.96 -4.86
N VAL A 231 -3.74 7.95 -3.69
CA VAL A 231 -3.44 7.01 -2.62
C VAL A 231 -4.69 6.17 -2.36
N GLU A 232 -4.46 4.98 -1.81
CA GLU A 232 -5.55 4.07 -1.50
C GLU A 232 -6.52 4.73 -0.53
N THR A 233 -7.80 4.35 -0.64
CA THR A 233 -8.79 4.77 0.34
C THR A 233 -8.38 4.28 1.72
N ARG A 234 -8.46 5.16 2.71
CA ARG A 234 -8.02 4.80 4.04
C ARG A 234 -9.12 5.08 5.06
N PRO A 235 -9.33 4.18 6.02
CA PRO A 235 -10.40 4.37 7.00
C PRO A 235 -10.02 5.39 8.06
N ALA A 236 -11.04 6.13 8.51
CA ALA A 236 -10.87 7.07 9.61
C ALA A 236 -11.20 6.46 10.96
N GLY A 237 -11.68 5.21 10.99
CA GLY A 237 -11.90 4.45 12.19
C GLY A 237 -13.34 4.36 12.65
N ASP A 238 -14.20 5.31 12.28
CA ASP A 238 -15.62 5.25 12.56
C ASP A 238 -16.45 4.74 11.38
N GLY A 239 -15.81 4.33 10.29
CA GLY A 239 -16.49 3.96 9.07
C GLY A 239 -16.36 4.98 7.96
N THR A 240 -15.98 6.21 8.30
CA THR A 240 -15.65 7.21 7.30
C THR A 240 -14.25 6.99 6.75
N PHE A 241 -14.01 7.46 5.53
CA PHE A 241 -12.76 7.22 4.83
C PHE A 241 -12.09 8.55 4.49
N GLN A 242 -10.91 8.46 3.85
CA GLN A 242 -10.16 9.63 3.44
C GLN A 242 -9.45 9.33 2.13
N LYS A 243 -9.30 10.36 1.30
CA LYS A 243 -8.48 10.26 0.10
C LYS A 243 -7.98 11.66 -0.27
N TRP A 244 -6.78 11.72 -0.84
CA TRP A 244 -6.25 12.97 -1.38
C TRP A 244 -5.62 12.70 -2.74
N ALA A 245 -5.66 13.72 -3.61
CA ALA A 245 -5.06 13.61 -4.93
C ALA A 245 -4.28 14.89 -5.22
N ALA A 246 -2.97 14.75 -5.44
CA ALA A 246 -2.10 15.90 -5.64
C ALA A 246 -1.60 15.95 -7.08
N VAL A 247 -1.38 17.18 -7.57
CA VAL A 247 -0.76 17.42 -8.87
C VAL A 247 0.25 18.54 -8.71
N VAL A 248 1.33 18.46 -9.49
CA VAL A 248 2.40 19.44 -9.45
C VAL A 248 2.10 20.51 -10.49
N VAL A 249 2.03 21.77 -10.06
CA VAL A 249 1.61 22.85 -10.94
C VAL A 249 2.72 23.89 -11.03
N PRO A 250 2.92 24.51 -12.19
CA PRO A 250 3.79 25.69 -12.26
C PRO A 250 3.14 26.85 -11.51
N SER A 251 3.92 27.53 -10.68
CA SER A 251 3.37 28.64 -9.90
C SER A 251 2.96 29.79 -10.80
N GLY A 252 1.77 30.33 -10.53
CA GLY A 252 1.15 31.34 -11.36
C GLY A 252 0.06 30.81 -12.26
N GLU A 253 0.08 29.52 -12.57
CA GLU A 253 -1.02 28.82 -13.22
C GLU A 253 -1.98 28.20 -12.23
N GLU A 254 -1.85 28.54 -10.94
CA GLU A 254 -2.59 27.92 -9.84
C GLU A 254 -4.08 27.76 -10.15
N GLN A 255 -4.67 28.76 -10.80
CA GLN A 255 -6.12 28.79 -10.99
C GLN A 255 -6.59 27.93 -12.16
N ARG A 256 -5.68 27.47 -13.02
CA ARG A 256 -6.05 26.61 -14.13
C ARG A 256 -6.60 25.26 -13.65
N TYR A 257 -6.16 24.81 -12.48
CA TYR A 257 -6.42 23.46 -12.01
C TYR A 257 -7.61 23.45 -11.06
N THR A 258 -8.52 22.50 -11.27
CA THR A 258 -9.67 22.30 -10.38
C THR A 258 -9.79 20.81 -10.07
N CYS A 259 -10.08 20.51 -8.80
CA CYS A 259 -10.33 19.14 -8.38
C CYS A 259 -11.80 18.80 -8.54
N HIS A 260 -12.08 17.59 -8.97
CA HIS A 260 -13.46 17.15 -9.23
C HIS A 260 -13.73 15.89 -8.42
N VAL A 261 -14.79 15.96 -7.60
CA VAL A 261 -15.14 14.91 -6.64
C VAL A 261 -16.42 14.25 -7.11
N GLN A 262 -16.44 12.92 -7.11
CA GLN A 262 -17.64 12.14 -7.47
C GLN A 262 -17.89 11.13 -6.37
N HIS A 263 -19.05 11.20 -5.74
CA HIS A 263 -19.37 10.33 -4.61
C HIS A 263 -20.87 10.09 -4.55
N GLU A 264 -21.25 8.96 -3.94
CA GLU A 264 -22.66 8.60 -3.84
C GLU A 264 -23.41 9.53 -2.89
N GLY A 265 -22.76 9.99 -1.83
CA GLY A 265 -23.40 10.85 -0.87
C GLY A 265 -23.66 12.26 -1.36
N LEU A 266 -23.16 12.62 -2.53
CA LEU A 266 -23.30 13.91 -3.18
C LEU A 266 -24.50 13.90 -4.13
N PRO A 267 -25.33 14.95 -4.11
CA PRO A 267 -26.39 15.05 -5.12
C PRO A 267 -25.84 15.13 -6.53
N GLN A 268 -24.79 15.91 -6.75
CA GLN A 268 -24.06 15.95 -8.01
C GLN A 268 -22.58 16.12 -7.69
N PRO A 269 -21.70 15.75 -8.61
CA PRO A 269 -20.26 15.91 -8.37
C PRO A 269 -19.88 17.36 -8.08
N LEU A 270 -18.71 17.52 -7.46
CA LEU A 270 -18.25 18.81 -6.98
C LEU A 270 -16.99 19.24 -7.71
N ILE A 271 -16.79 20.57 -7.76
CA ILE A 271 -15.61 21.19 -8.33
C ILE A 271 -15.01 22.11 -7.27
N LEU A 272 -13.69 22.06 -7.11
CA LEU A 272 -12.99 22.85 -6.11
C LEU A 272 -11.77 23.53 -6.71
N ARG A 273 -11.48 24.72 -6.18
CA ARG A 273 -10.41 25.58 -6.64
C ARG A 273 -9.64 26.07 -5.42
N TRP A 274 -8.35 26.31 -5.59
CA TRP A 274 -7.54 26.79 -4.47
C TRP A 274 -7.91 28.23 -4.13
N GLU A 275 -8.18 28.48 -2.85
CA GLU A 275 -8.87 29.69 -2.42
C GLU A 275 -8.03 30.95 -2.54
N GLN A 276 -6.70 30.82 -2.58
CA GLN A 276 -5.80 31.98 -2.62
C GLN A 276 -5.98 32.86 -1.39
N ASP B 68 6.89 -21.30 -4.61
CA ASP B 68 5.76 -20.37 -4.78
C ASP B 68 5.16 -19.79 -3.48
N PRO B 69 6.01 -19.32 -2.55
CA PRO B 69 5.47 -18.69 -1.33
C PRO B 69 4.90 -17.30 -1.57
N ILE B 70 5.25 -16.68 -2.70
CA ILE B 70 5.11 -15.27 -3.08
C ILE B 70 5.61 -14.35 -1.97
N GLN B 71 5.04 -13.14 -1.91
CA GLN B 71 5.10 -12.16 -0.82
C GLN B 71 4.52 -10.85 -1.32
N ARG B 72 4.20 -9.93 -0.40
CA ARG B 72 3.87 -8.55 -0.74
C ARG B 72 4.41 -7.66 0.38
N THR B 73 4.27 -6.34 0.20
CA THR B 73 4.92 -5.42 1.11
C THR B 73 3.93 -4.39 1.66
N PRO B 74 4.05 -4.04 2.93
CA PRO B 74 3.06 -3.13 3.54
C PRO B 74 3.19 -1.70 3.04
N LYS B 75 2.05 -1.04 2.89
CA LYS B 75 1.96 0.37 2.55
C LYS B 75 1.52 1.14 3.79
N ILE B 76 2.24 2.21 4.12
CA ILE B 76 2.11 2.87 5.42
C ILE B 76 1.58 4.27 5.22
N GLN B 77 0.57 4.64 6.03
CA GLN B 77 0.03 6.00 6.06
C GLN B 77 -0.26 6.40 7.50
N VAL B 78 0.24 7.55 7.92
CA VAL B 78 0.03 8.07 9.28
C VAL B 78 -0.87 9.28 9.18
N TYR B 79 -2.06 9.19 9.78
CA TYR B 79 -3.04 10.25 9.66
C TYR B 79 -3.93 10.30 10.89
N SER B 80 -4.27 11.51 11.31
CA SER B 80 -5.28 11.71 12.35
C SER B 80 -6.68 11.64 11.74
N ARG B 81 -7.66 11.29 12.57
CA ARG B 81 -9.05 11.26 12.16
C ARG B 81 -9.50 12.63 11.68
N HIS B 82 -9.58 13.56 12.62
CA HIS B 82 -10.00 14.94 12.41
C HIS B 82 -8.79 15.80 12.07
N PRO B 83 -9.00 16.96 11.45
CA PRO B 83 -7.89 17.90 11.26
C PRO B 83 -7.23 18.21 12.60
N ALA B 84 -5.90 18.08 12.62
CA ALA B 84 -5.18 18.17 13.89
C ALA B 84 -5.20 19.60 14.40
N GLU B 85 -5.70 19.77 15.63
CA GLU B 85 -5.78 21.07 16.27
C GLU B 85 -5.34 20.90 17.72
N ASN B 86 -4.36 21.70 18.13
CA ASN B 86 -3.76 21.56 19.46
C ASN B 86 -4.82 21.77 20.54
N GLY B 87 -4.90 20.81 21.46
CA GLY B 87 -5.83 20.90 22.56
C GLY B 87 -7.19 20.28 22.33
N LYS B 88 -7.32 19.33 21.41
CA LYS B 88 -8.59 18.68 21.15
C LYS B 88 -8.37 17.17 21.00
N SER B 89 -9.24 16.39 21.61
CA SER B 89 -9.09 14.94 21.60
C SER B 89 -9.22 14.39 20.18
N ASN B 90 -8.23 13.60 19.76
CA ASN B 90 -8.23 13.03 18.43
C ASN B 90 -7.42 11.74 18.47
N PHE B 91 -7.74 10.80 17.57
CA PHE B 91 -7.04 9.54 17.51
C PHE B 91 -5.96 9.60 16.42
N LEU B 92 -4.82 8.98 16.69
CA LEU B 92 -3.78 8.81 15.68
C LEU B 92 -3.97 7.46 15.02
N ASN B 93 -3.89 7.44 13.68
CA ASN B 93 -4.12 6.24 12.91
C ASN B 93 -2.89 5.94 12.07
N CYS B 94 -2.47 4.68 12.10
CA CYS B 94 -1.47 4.14 11.18
C CYS B 94 -2.14 2.98 10.44
N TYR B 95 -2.33 3.16 9.14
CA TYR B 95 -3.05 2.21 8.30
C TYR B 95 -2.04 1.44 7.46
N VAL B 96 -1.92 0.14 7.73
CA VAL B 96 -0.95 -0.72 7.06
C VAL B 96 -1.71 -1.61 6.08
N SER B 97 -1.38 -1.51 4.80
CA SER B 97 -2.08 -2.24 3.77
C SER B 97 -1.12 -2.70 2.70
N GLY B 98 -1.58 -3.64 1.87
CA GLY B 98 -0.79 -4.10 0.75
C GLY B 98 0.21 -5.19 1.06
N PHE B 99 0.07 -5.88 2.19
CA PHE B 99 1.11 -6.76 2.68
C PHE B 99 0.61 -8.21 2.75
N HIS B 100 1.57 -9.12 2.87
CA HIS B 100 1.33 -10.56 2.85
C HIS B 100 2.67 -11.22 3.12
N PRO B 101 2.70 -12.27 3.95
CA PRO B 101 1.59 -12.95 4.65
C PRO B 101 0.96 -12.17 5.79
N SER B 102 0.09 -12.84 6.54
CA SER B 102 -0.77 -12.15 7.50
C SER B 102 0.04 -11.56 8.66
N ASP B 103 1.04 -12.29 9.15
CA ASP B 103 1.77 -11.83 10.32
C ASP B 103 2.49 -10.51 10.03
N ILE B 104 2.21 -9.51 10.87
CA ILE B 104 2.74 -8.16 10.68
C ILE B 104 3.03 -7.56 12.05
N GLU B 105 4.15 -6.86 12.16
CA GLU B 105 4.54 -6.19 13.40
C GLU B 105 4.55 -4.68 13.14
N VAL B 106 3.59 -3.98 13.72
CA VAL B 106 3.45 -2.54 13.55
C VAL B 106 3.27 -1.93 14.94
N ASP B 107 3.63 -0.66 15.05
CA ASP B 107 3.86 0.00 16.33
C ASP B 107 3.57 1.48 16.17
N LEU B 108 3.27 2.12 17.30
CA LEU B 108 3.06 3.57 17.35
C LEU B 108 4.00 4.15 18.40
N LEU B 109 4.68 5.23 18.04
CA LEU B 109 5.71 5.81 18.89
C LEU B 109 5.37 7.28 19.17
N LYS B 110 5.44 7.66 20.44
CA LYS B 110 5.33 9.05 20.87
C LYS B 110 6.73 9.52 21.24
N ASN B 111 7.29 10.42 20.43
CA ASN B 111 8.66 10.91 20.59
C ASN B 111 9.68 9.78 20.54
N GLY B 112 9.35 8.67 19.89
CA GLY B 112 10.25 7.55 19.74
C GLY B 112 10.04 6.41 20.71
N GLU B 113 9.36 6.66 21.83
CA GLU B 113 9.15 5.63 22.83
C GLU B 113 7.79 4.95 22.63
N ARG B 114 7.76 3.66 22.93
CA ARG B 114 6.55 2.85 22.74
C ARG B 114 5.38 3.45 23.52
N ILE B 115 4.25 3.61 22.85
CA ILE B 115 3.00 3.91 23.53
C ILE B 115 2.26 2.61 23.78
N GLU B 116 1.80 2.41 25.02
CA GLU B 116 1.38 1.07 25.41
C GLU B 116 -0.02 0.72 24.90
N LYS B 117 -0.97 1.64 24.99
CA LYS B 117 -2.36 1.33 24.65
C LYS B 117 -2.59 1.54 23.16
N VAL B 118 -2.94 0.46 22.46
CA VAL B 118 -3.27 0.48 21.04
C VAL B 118 -4.38 -0.52 20.78
N GLU B 119 -5.10 -0.31 19.69
CA GLU B 119 -6.11 -1.25 19.22
C GLU B 119 -5.91 -1.49 17.73
N HIS B 120 -6.74 -2.35 17.15
CA HIS B 120 -6.63 -2.63 15.73
C HIS B 120 -8.00 -3.00 15.17
N SER B 121 -8.15 -2.76 13.86
CA SER B 121 -9.29 -3.32 13.15
C SER B 121 -9.12 -4.83 13.02
N ASP B 122 -10.25 -5.51 12.85
CA ASP B 122 -10.21 -6.95 12.62
C ASP B 122 -9.48 -7.26 11.33
N LEU B 123 -8.71 -8.35 11.33
CA LEU B 123 -7.91 -8.69 10.16
C LEU B 123 -8.81 -8.97 8.96
N SER B 124 -8.55 -8.26 7.86
CA SER B 124 -9.35 -8.37 6.65
C SER B 124 -8.45 -8.08 5.46
N PHE B 125 -8.92 -8.48 4.28
CA PHE B 125 -8.16 -8.32 3.05
C PHE B 125 -9.05 -7.70 1.97
N SER B 126 -8.40 -7.22 0.92
CA SER B 126 -9.07 -6.59 -0.21
C SER B 126 -9.27 -7.62 -1.33
N LYS B 127 -9.74 -7.14 -2.49
CA LYS B 127 -10.05 -8.02 -3.60
C LYS B 127 -8.81 -8.72 -4.16
N ASP B 128 -7.63 -8.17 -3.92
CA ASP B 128 -6.38 -8.75 -4.41
C ASP B 128 -5.79 -9.77 -3.44
N TRP B 129 -6.52 -10.12 -2.39
CA TRP B 129 -6.04 -11.03 -1.34
C TRP B 129 -4.78 -10.48 -0.67
N SER B 130 -4.88 -9.23 -0.21
CA SER B 130 -3.80 -8.57 0.51
C SER B 130 -4.37 -8.00 1.80
N PHE B 131 -3.71 -8.29 2.91
CA PHE B 131 -4.24 -7.97 4.23
C PHE B 131 -4.03 -6.49 4.54
N TYR B 132 -4.95 -5.95 5.34
CA TYR B 132 -4.84 -4.57 5.80
C TYR B 132 -5.34 -4.45 7.23
N LEU B 133 -4.59 -3.72 8.05
CA LEU B 133 -4.94 -3.44 9.43
C LEU B 133 -4.82 -1.95 9.70
N LEU B 134 -5.44 -1.51 10.80
CA LEU B 134 -5.40 -0.12 11.21
C LEU B 134 -5.13 -0.08 12.72
N TYR B 135 -4.01 0.52 13.11
CA TYR B 135 -3.75 0.75 14.53
C TYR B 135 -4.05 2.20 14.87
N TYR B 136 -4.66 2.42 16.03
CA TYR B 136 -5.10 3.76 16.40
C TYR B 136 -5.02 3.96 17.90
N THR B 137 -4.60 5.15 18.31
CA THR B 137 -4.46 5.47 19.73
C THR B 137 -4.89 6.91 19.98
N GLU B 138 -5.74 7.11 20.98
CA GLU B 138 -6.20 8.45 21.33
C GLU B 138 -5.03 9.30 21.84
N PHE B 139 -5.11 10.60 21.55
CA PHE B 139 -4.14 11.55 22.06
C PHE B 139 -4.73 12.96 21.97
N THR B 140 -3.99 13.90 22.51
CA THR B 140 -4.26 15.34 22.34
C THR B 140 -3.06 15.97 21.64
N PRO B 141 -3.20 16.46 20.41
CA PRO B 141 -2.04 16.96 19.68
C PRO B 141 -1.47 18.23 20.30
N THR B 142 -0.14 18.37 20.16
CA THR B 142 0.57 19.58 20.56
C THR B 142 1.79 19.71 19.67
N GLU B 143 2.26 20.95 19.51
CA GLU B 143 3.29 21.23 18.53
C GLU B 143 4.66 20.67 18.92
N LYS B 144 4.91 20.46 20.21
CA LYS B 144 6.23 19.98 20.63
C LYS B 144 6.38 18.48 20.42
N ASP B 145 5.31 17.72 20.57
CA ASP B 145 5.38 16.26 20.56
C ASP B 145 5.34 15.75 19.13
N GLU B 146 6.38 15.03 18.71
CA GLU B 146 6.40 14.37 17.42
C GLU B 146 5.93 12.93 17.58
N TYR B 147 5.19 12.45 16.59
CA TYR B 147 4.61 11.11 16.61
C TYR B 147 5.09 10.32 15.41
N ALA B 148 5.01 9.00 15.51
CA ALA B 148 5.56 8.15 14.46
C ALA B 148 4.87 6.79 14.48
N CYS B 149 5.04 6.05 13.38
CA CYS B 149 4.59 4.68 13.25
C CYS B 149 5.78 3.82 12.83
N ARG B 150 5.87 2.62 13.40
CA ARG B 150 7.01 1.73 13.21
C ARG B 150 6.52 0.37 12.74
N VAL B 151 6.80 0.04 11.48
CA VAL B 151 6.31 -1.17 10.84
C VAL B 151 7.47 -2.09 10.53
N ASN B 152 7.25 -3.40 10.69
CA ASN B 152 8.22 -4.39 10.27
C ASN B 152 7.47 -5.62 9.79
N HIS B 153 8.03 -6.30 8.80
CA HIS B 153 7.36 -7.41 8.12
C HIS B 153 8.41 -8.45 7.75
N VAL B 154 7.95 -9.55 7.15
CA VAL B 154 8.89 -10.55 6.65
C VAL B 154 9.68 -10.00 5.46
N THR B 155 8.99 -9.31 4.55
CA THR B 155 9.66 -8.68 3.42
C THR B 155 10.59 -7.57 3.89
N LEU B 156 10.13 -6.74 4.82
CA LEU B 156 10.87 -5.58 5.28
C LEU B 156 11.96 -5.99 6.26
N SER B 157 13.19 -5.53 6.01
CA SER B 157 14.35 -5.99 6.80
C SER B 157 14.57 -5.11 8.02
N GLN B 158 15.08 -3.89 7.82
CA GLN B 158 15.28 -2.99 8.95
C GLN B 158 13.97 -2.29 9.30
N PRO B 159 13.64 -2.18 10.58
CA PRO B 159 12.31 -1.66 10.95
C PRO B 159 12.10 -0.25 10.42
N LYS B 160 10.97 -0.07 9.73
CA LYS B 160 10.64 1.18 9.08
C LYS B 160 9.92 2.10 10.06
N ILE B 161 10.24 3.39 9.99
CA ILE B 161 9.60 4.39 10.83
C ILE B 161 9.18 5.56 9.94
N VAL B 162 7.95 6.03 10.13
CA VAL B 162 7.41 7.16 9.39
C VAL B 162 6.83 8.15 10.39
N LYS B 163 7.04 9.44 10.12
CA LYS B 163 6.70 10.48 11.08
C LYS B 163 5.32 11.08 10.78
N TRP B 164 4.58 11.36 11.84
CA TRP B 164 3.35 12.14 11.72
C TRP B 164 3.64 13.55 11.22
N ASP B 165 2.96 13.94 10.15
CA ASP B 165 3.18 15.21 9.49
C ASP B 165 1.87 15.99 9.45
N ARG B 166 1.98 17.29 9.68
CA ARG B 166 0.81 18.17 9.64
C ARG B 166 0.38 18.37 8.19
N ASP B 167 -0.90 18.09 7.91
CA ASP B 167 -1.42 18.22 6.56
C ASP B 167 -2.65 19.12 6.50
N MET B 168 -3.71 18.70 7.17
CA MET B 168 -5.01 19.36 7.09
C MET B 168 -5.30 20.23 8.31
N GLY C 70 22.15 39.58 -18.78
CA GLY C 70 21.25 38.49 -18.45
C GLY C 70 21.53 37.21 -19.22
N HIS C 71 22.82 36.96 -19.48
CA HIS C 71 23.21 35.72 -20.16
C HIS C 71 22.86 34.52 -19.30
N LEU C 72 22.14 33.56 -19.89
CA LEU C 72 21.59 32.45 -19.14
C LEU C 72 22.67 31.44 -18.78
N PRO C 73 22.99 31.24 -17.49
CA PRO C 73 23.93 30.19 -17.12
C PRO C 73 23.21 28.89 -16.76
N LYS C 74 23.96 27.83 -16.45
CA LYS C 74 23.36 26.62 -15.93
C LYS C 74 24.32 25.95 -14.96
N PRO C 75 23.83 25.38 -13.85
CA PRO C 75 24.72 24.65 -12.94
C PRO C 75 24.79 23.16 -13.24
N THR C 76 25.59 22.44 -12.46
CA THR C 76 25.77 21.00 -12.60
C THR C 76 25.70 20.35 -11.23
N LEU C 77 24.98 19.23 -11.14
CA LEU C 77 24.71 18.58 -9.87
C LEU C 77 25.33 17.19 -9.84
N TRP C 78 25.92 16.83 -8.70
CA TRP C 78 26.45 15.49 -8.50
C TRP C 78 26.47 15.19 -7.00
N ALA C 79 26.53 13.90 -6.68
CA ALA C 79 26.55 13.44 -5.30
C ALA C 79 27.92 12.88 -4.95
N GLU C 80 28.38 13.15 -3.74
CA GLU C 80 29.73 12.76 -3.31
C GLU C 80 29.75 11.76 -2.16
N PRO C 81 30.25 10.54 -2.43
CA PRO C 81 30.44 10.02 -3.79
C PRO C 81 29.24 9.19 -4.25
N GLY C 82 29.25 8.75 -5.51
CA GLY C 82 28.26 7.83 -6.01
C GLY C 82 26.87 8.42 -6.13
N SER C 83 25.98 7.73 -6.84
CA SER C 83 24.56 8.08 -6.87
C SER C 83 23.72 7.20 -5.95
N VAL C 84 24.31 6.21 -5.29
CA VAL C 84 23.58 5.21 -4.54
C VAL C 84 24.19 5.10 -3.15
N ILE C 85 23.36 5.30 -2.12
CA ILE C 85 23.80 5.35 -0.73
C ILE C 85 22.87 4.49 0.12
N THR C 86 23.44 3.79 1.10
CA THR C 86 22.66 2.98 2.03
C THR C 86 22.14 3.88 3.15
N GLN C 87 21.52 3.27 4.17
CA GLN C 87 21.08 4.04 5.32
C GLN C 87 22.26 4.33 6.25
N GLY C 88 22.17 5.47 6.94
CA GLY C 88 23.18 5.83 7.92
C GLY C 88 24.53 6.18 7.33
N SER C 89 24.61 6.26 6.00
CA SER C 89 25.86 6.54 5.33
C SER C 89 25.89 7.98 4.87
N PRO C 90 26.84 8.79 5.30
CA PRO C 90 26.86 10.20 4.87
C PRO C 90 27.23 10.34 3.40
N VAL C 91 26.49 11.21 2.72
CA VAL C 91 26.74 11.53 1.32
C VAL C 91 26.49 13.01 1.11
N THR C 92 27.37 13.66 0.36
CA THR C 92 27.31 15.10 0.14
C THR C 92 26.77 15.39 -1.26
N LEU C 93 25.77 16.27 -1.33
CA LEU C 93 25.22 16.73 -2.59
C LEU C 93 25.80 18.09 -2.91
N ARG C 94 26.53 18.20 -4.03
CA ARG C 94 27.23 19.42 -4.40
C ARG C 94 26.80 19.85 -5.79
N CYS C 95 26.51 21.15 -5.94
CA CYS C 95 26.31 21.77 -7.25
C CYS C 95 27.21 22.99 -7.35
N GLN C 96 27.87 23.14 -8.51
CA GLN C 96 28.87 24.16 -8.70
C GLN C 96 28.48 25.08 -9.85
N GLY C 97 28.95 26.33 -9.76
CA GLY C 97 28.67 27.34 -10.76
C GLY C 97 29.79 27.57 -11.77
N GLY C 98 29.93 28.82 -12.19
CA GLY C 98 29.24 29.93 -11.57
C GLY C 98 30.09 30.57 -10.48
N GLN C 99 31.38 30.39 -10.62
CA GLN C 99 32.49 30.91 -9.79
C GLN C 99 32.23 30.62 -8.31
N GLU C 100 32.68 31.52 -7.44
CA GLU C 100 32.51 31.43 -5.99
C GLU C 100 32.57 32.85 -5.40
N THR C 101 31.81 33.10 -4.34
CA THR C 101 30.84 32.14 -3.83
C THR C 101 29.46 32.47 -4.40
N GLN C 102 28.98 31.60 -5.28
CA GLN C 102 27.67 31.78 -5.88
C GLN C 102 26.60 31.34 -4.88
N GLU C 103 25.43 31.96 -4.95
CA GLU C 103 24.37 31.62 -4.01
C GLU C 103 23.52 30.52 -4.63
N TYR C 104 23.75 29.29 -4.19
CA TYR C 104 23.03 28.13 -4.66
C TYR C 104 21.73 27.92 -3.88
N ARG C 105 20.76 27.27 -4.52
CA ARG C 105 19.54 26.85 -3.86
C ARG C 105 19.14 25.48 -4.39
N LEU C 106 18.83 24.57 -3.48
CA LEU C 106 18.47 23.20 -3.80
C LEU C 106 17.03 22.93 -3.39
N TYR C 107 16.36 22.07 -4.14
CA TYR C 107 15.01 21.66 -3.76
C TYR C 107 14.77 20.22 -4.21
N ARG C 108 13.75 19.61 -3.63
CA ARG C 108 13.33 18.26 -3.98
C ARG C 108 11.96 18.28 -4.63
N GLU C 109 11.83 17.52 -5.72
CA GLU C 109 10.54 17.39 -6.38
C GLU C 109 9.62 16.49 -5.55
N LYS C 110 8.32 16.60 -5.84
CA LYS C 110 7.25 15.99 -5.04
C LYS C 110 7.39 16.50 -3.61
N LYS C 111 7.67 15.66 -2.62
CA LYS C 111 7.76 16.13 -1.23
C LYS C 111 8.92 17.09 -1.07
N THR C 112 8.69 18.14 -0.27
CA THR C 112 9.73 19.13 -0.02
C THR C 112 10.79 18.58 0.93
N ALA C 113 12.05 18.80 0.59
CA ALA C 113 13.16 18.39 1.45
C ALA C 113 13.34 19.43 2.56
N LEU C 114 13.22 18.98 3.81
CA LEU C 114 13.19 19.90 4.94
C LEU C 114 14.58 20.36 5.35
N TRP C 115 15.58 19.46 5.27
CA TRP C 115 16.92 19.75 5.76
C TRP C 115 17.68 20.75 4.90
N ILE C 116 17.17 21.12 3.73
CA ILE C 116 17.85 22.12 2.91
C ILE C 116 17.98 23.44 3.67
N THR C 117 17.00 23.75 4.52
CA THR C 117 17.12 24.91 5.39
C THR C 117 18.08 24.64 6.53
N ARG C 118 18.25 23.38 6.92
CA ARG C 118 19.13 23.03 8.03
C ARG C 118 20.60 23.12 7.67
N ILE C 119 20.95 23.01 6.40
CA ILE C 119 22.35 23.16 5.98
C ILE C 119 22.75 24.62 6.08
N PRO C 120 23.88 24.94 6.71
CA PRO C 120 24.27 26.35 6.86
C PRO C 120 24.51 27.00 5.50
N GLN C 121 24.04 28.25 5.38
CA GLN C 121 24.21 28.99 4.12
C GLN C 121 25.68 29.18 3.77
N GLU C 122 26.58 29.12 4.76
CA GLU C 122 28.01 29.19 4.47
C GLU C 122 28.42 28.07 3.53
N LEU C 123 27.94 26.85 3.78
CA LEU C 123 28.21 25.75 2.86
C LEU C 123 27.33 25.83 1.62
N VAL C 124 26.08 26.28 1.79
CA VAL C 124 25.15 26.36 0.65
C VAL C 124 25.73 27.23 -0.46
N LYS C 125 26.39 28.34 -0.09
CA LYS C 125 27.04 29.17 -1.09
C LYS C 125 28.23 28.46 -1.75
N LYS C 126 28.75 27.42 -1.12
CA LYS C 126 29.76 26.56 -1.73
C LYS C 126 29.15 25.33 -2.39
N GLY C 127 27.83 25.24 -2.45
CA GLY C 127 27.20 23.98 -2.85
C GLY C 127 27.39 22.97 -1.73
N GLN C 128 27.88 21.79 -2.10
CA GLN C 128 28.32 20.78 -1.14
C GLN C 128 27.39 20.62 0.05
N PHE C 129 26.18 20.11 -0.18
CA PHE C 129 25.26 19.91 0.93
C PHE C 129 25.66 18.63 1.66
N PRO C 130 26.18 18.74 2.89
CA PRO C 130 26.86 17.58 3.49
C PRO C 130 25.94 16.41 3.80
N ILE C 131 24.75 16.68 4.33
CA ILE C 131 23.82 15.64 4.78
C ILE C 131 24.55 14.68 5.70
N PRO C 132 24.82 15.08 6.96
CA PRO C 132 25.43 14.13 7.90
C PRO C 132 24.58 12.88 8.04
N SER C 133 25.24 11.72 7.92
CA SER C 133 24.56 10.43 7.82
C SER C 133 23.53 10.47 6.69
N ILE C 134 22.37 9.85 6.92
CA ILE C 134 21.26 9.86 5.96
C ILE C 134 20.11 9.05 6.56
N THR C 135 18.90 9.26 6.05
CA THR C 135 17.73 8.45 6.37
C THR C 135 17.00 8.12 5.07
N TRP C 136 15.90 7.38 5.19
CA TRP C 136 15.11 7.07 4.00
C TRP C 136 14.38 8.27 3.45
N GLU C 137 14.16 9.31 4.28
CA GLU C 137 13.43 10.49 3.83
C GLU C 137 14.24 11.31 2.84
N HIS C 138 15.57 11.26 2.93
CA HIS C 138 16.42 12.03 2.02
C HIS C 138 16.31 11.58 0.57
N ALA C 139 15.71 10.41 0.31
CA ALA C 139 15.63 9.90 -1.06
C ALA C 139 14.69 10.75 -1.90
N GLY C 140 15.11 11.04 -3.11
CA GLY C 140 14.28 11.82 -4.03
C GLY C 140 15.10 12.50 -5.09
N ARG C 141 14.40 13.28 -5.92
CA ARG C 141 15.01 14.06 -6.97
C ARG C 141 15.37 15.45 -6.45
N TYR C 142 16.51 15.96 -6.86
CA TYR C 142 17.01 17.24 -6.36
C TYR C 142 17.46 18.11 -7.52
N ARG C 143 17.23 19.43 -7.39
CA ARG C 143 17.61 20.39 -8.41
C ARG C 143 18.20 21.63 -7.75
N CYS C 144 19.26 22.15 -8.37
CA CYS C 144 20.00 23.30 -7.86
C CYS C 144 19.99 24.41 -8.89
N TYR C 145 19.61 25.61 -8.45
CA TYR C 145 19.60 26.80 -9.30
C TYR C 145 20.17 27.95 -8.50
N TYR C 146 20.45 29.06 -9.18
CA TYR C 146 20.98 30.23 -8.50
C TYR C 146 20.46 31.51 -9.13
N GLY C 147 20.33 32.54 -8.28
CA GLY C 147 19.87 33.85 -8.68
C GLY C 147 18.47 34.21 -8.21
N SER C 148 17.64 33.23 -7.88
CA SER C 148 16.25 33.44 -7.45
C SER C 148 15.53 34.24 -8.54
N ASP C 149 14.81 35.32 -8.22
CA ASP C 149 14.05 36.08 -9.19
C ASP C 149 14.46 37.55 -9.13
N THR C 150 13.78 38.37 -9.93
CA THR C 150 13.77 39.84 -9.94
C THR C 150 15.14 40.43 -10.25
N ALA C 151 16.17 39.59 -10.33
CA ALA C 151 17.50 40.04 -10.71
C ALA C 151 18.01 39.21 -11.86
N GLY C 152 18.22 37.91 -11.61
CA GLY C 152 18.62 36.96 -12.63
C GLY C 152 18.42 35.56 -12.09
N ARG C 153 18.42 34.59 -12.99
CA ARG C 153 18.33 33.20 -12.58
C ARG C 153 18.97 32.30 -13.64
N SER C 154 19.44 31.14 -13.19
CA SER C 154 19.95 30.09 -14.05
C SER C 154 18.94 28.96 -14.15
N GLU C 155 18.89 28.33 -15.32
CA GLU C 155 18.08 27.13 -15.50
C GLU C 155 18.71 25.98 -14.72
N SER C 156 17.90 25.32 -13.90
CA SER C 156 18.39 24.24 -13.04
C SER C 156 18.39 22.92 -13.80
N SER C 157 19.40 22.09 -13.51
CA SER C 157 19.49 20.74 -14.07
C SER C 157 19.27 19.75 -12.94
N ASP C 158 18.37 18.78 -13.17
CA ASP C 158 18.05 17.76 -12.17
C ASP C 158 18.13 16.36 -12.78
N PRO C 159 19.30 15.97 -13.29
CA PRO C 159 19.43 14.59 -13.79
C PRO C 159 19.50 13.55 -12.70
N LEU C 160 20.01 13.90 -11.52
CA LEU C 160 20.32 12.90 -10.51
C LEU C 160 19.07 12.50 -9.74
N GLU C 161 19.03 11.23 -9.35
CA GLU C 161 18.02 10.70 -8.45
C GLU C 161 18.75 10.13 -7.24
N LEU C 162 18.62 10.80 -6.10
CA LEU C 162 19.30 10.35 -4.89
C LEU C 162 18.50 9.20 -4.27
N VAL C 163 19.15 8.04 -4.14
CA VAL C 163 18.47 6.80 -3.79
C VAL C 163 19.05 6.26 -2.50
N VAL C 164 18.18 5.69 -1.66
CA VAL C 164 18.58 4.98 -0.44
C VAL C 164 18.26 3.50 -0.64
N THR C 165 19.24 2.65 -0.34
CA THR C 165 19.12 1.21 -0.51
C THR C 165 19.06 0.52 0.84
N GLY C 166 18.41 -0.64 0.87
CA GLY C 166 18.09 -1.35 2.09
C GLY C 166 16.61 -1.24 2.42
N ALA C 167 16.29 -1.67 3.64
CA ALA C 167 14.94 -1.68 4.21
C ALA C 167 14.02 -2.71 3.57
N TYR C 168 14.47 -3.43 2.55
CA TYR C 168 13.66 -4.46 1.89
C TYR C 168 14.46 -5.76 1.79
N ILE C 169 13.83 -6.77 1.22
CA ILE C 169 14.39 -8.12 1.20
C ILE C 169 15.49 -8.20 0.14
N LYS C 170 16.41 -9.14 0.33
CA LYS C 170 17.50 -9.35 -0.61
C LYS C 170 16.96 -9.90 -1.93
N PRO C 171 17.11 -9.19 -3.05
CA PRO C 171 16.68 -9.73 -4.33
C PRO C 171 17.62 -10.84 -4.81
N THR C 172 17.04 -11.86 -5.42
CA THR C 172 17.77 -13.07 -5.79
C THR C 172 18.41 -12.91 -7.17
N LEU C 173 19.65 -13.39 -7.28
CA LEU C 173 20.39 -13.36 -8.53
C LEU C 173 20.18 -14.68 -9.28
N SER C 174 19.81 -14.59 -10.56
CA SER C 174 19.55 -15.78 -11.35
C SER C 174 20.18 -15.63 -12.73
N ALA C 175 21.07 -16.55 -13.07
CA ALA C 175 21.96 -16.38 -14.21
C ALA C 175 21.69 -17.43 -15.29
N GLN C 176 21.90 -16.99 -16.53
CA GLN C 176 22.04 -17.77 -17.75
C GLN C 176 23.44 -18.40 -17.72
N PRO C 177 23.95 -18.98 -18.84
CA PRO C 177 25.29 -19.59 -18.78
C PRO C 177 26.41 -18.70 -18.28
N SER C 178 27.62 -19.24 -18.29
CA SER C 178 28.69 -18.87 -17.35
C SER C 178 28.88 -17.35 -17.29
N PRO C 179 29.17 -16.81 -16.10
CA PRO C 179 29.39 -15.36 -15.99
C PRO C 179 30.61 -14.85 -16.73
N VAL C 180 31.56 -15.72 -17.07
CA VAL C 180 32.78 -15.32 -17.76
C VAL C 180 32.72 -15.87 -19.18
N VAL C 181 32.55 -14.97 -20.15
CA VAL C 181 32.47 -15.32 -21.57
C VAL C 181 33.28 -14.24 -22.29
N ASN C 182 33.23 -14.22 -23.63
CA ASN C 182 33.97 -13.25 -24.41
C ASN C 182 33.60 -11.80 -24.09
N SER C 183 32.46 -11.58 -23.42
CA SER C 183 31.94 -10.29 -22.98
C SER C 183 31.46 -9.42 -24.14
N GLY C 184 31.64 -9.86 -25.39
CA GLY C 184 31.08 -9.16 -26.54
C GLY C 184 29.76 -9.76 -26.96
N GLY C 185 29.13 -10.46 -26.02
CA GLY C 185 27.88 -11.18 -26.25
C GLY C 185 26.64 -10.36 -25.97
N ASN C 186 26.74 -9.05 -26.12
CA ASN C 186 25.78 -8.06 -25.57
C ASN C 186 25.83 -8.23 -24.06
N VAL C 187 24.69 -8.17 -23.37
CA VAL C 187 24.63 -8.46 -21.94
C VAL C 187 23.32 -9.20 -21.66
N ILE C 188 23.42 -10.34 -20.98
CA ILE C 188 22.24 -11.11 -20.60
C ILE C 188 22.43 -11.60 -19.16
N LEU C 189 21.53 -11.18 -18.26
CA LEU C 189 21.52 -11.62 -16.88
C LEU C 189 20.09 -11.93 -16.49
N GLN C 190 19.89 -12.31 -15.23
CA GLN C 190 18.54 -12.44 -14.71
C GLN C 190 18.54 -12.05 -13.24
N CYS C 191 17.54 -11.29 -12.82
CA CYS C 191 17.41 -10.89 -11.43
C CYS C 191 15.96 -11.12 -11.01
N ASP C 192 15.74 -12.06 -10.10
CA ASP C 192 14.41 -12.38 -9.61
C ASP C 192 14.23 -11.85 -8.20
N SER C 193 13.01 -11.97 -7.70
CA SER C 193 12.72 -11.79 -6.29
C SER C 193 11.44 -12.55 -5.99
N GLN C 194 11.35 -13.07 -4.76
CA GLN C 194 10.13 -13.76 -4.36
C GLN C 194 9.02 -12.77 -4.02
N VAL C 195 9.38 -11.59 -3.52
CA VAL C 195 8.38 -10.54 -3.33
C VAL C 195 8.01 -9.95 -4.68
N ALA C 196 6.88 -9.25 -4.71
CA ALA C 196 6.40 -8.61 -5.93
C ALA C 196 6.77 -7.13 -5.87
N PHE C 197 7.76 -6.75 -6.67
CA PHE C 197 8.17 -5.37 -6.86
C PHE C 197 8.10 -5.03 -8.33
N ASP C 198 8.12 -3.72 -8.62
CA ASP C 198 7.98 -3.25 -10.00
C ASP C 198 9.34 -3.17 -10.69
N GLY C 199 10.15 -2.20 -10.30
CA GLY C 199 11.40 -1.94 -11.00
C GLY C 199 12.57 -2.73 -10.46
N PHE C 200 13.52 -3.01 -11.35
CA PHE C 200 14.77 -3.67 -10.98
C PHE C 200 15.93 -2.84 -11.54
N SER C 201 16.99 -2.70 -10.75
CA SER C 201 18.08 -1.80 -11.08
C SER C 201 19.39 -2.57 -11.23
N LEU C 202 20.10 -2.34 -12.32
CA LEU C 202 21.41 -2.92 -12.56
C LEU C 202 22.47 -1.84 -12.45
N CYS C 203 23.35 -1.97 -11.47
CA CYS C 203 24.46 -1.04 -11.28
C CYS C 203 25.74 -1.72 -11.77
N LYS C 204 26.31 -1.18 -12.85
CA LYS C 204 27.57 -1.70 -13.37
C LYS C 204 28.76 -1.13 -12.60
N GLU C 205 29.04 0.15 -12.78
CA GLU C 205 30.13 0.79 -12.04
C GLU C 205 29.71 1.11 -10.61
N GLY C 206 28.77 2.04 -10.45
CA GLY C 206 28.31 2.42 -9.13
C GLY C 206 29.24 3.38 -8.42
N HIS C 210 30.89 8.61 -15.94
CA HIS C 210 29.53 8.63 -16.44
C HIS C 210 28.74 7.35 -16.14
N PRO C 211 29.22 6.18 -16.58
CA PRO C 211 28.37 4.99 -16.42
C PRO C 211 28.09 4.73 -14.93
N GLN C 212 26.80 4.67 -14.55
CA GLN C 212 26.41 4.23 -13.20
C GLN C 212 25.49 3.00 -13.12
N CYS C 213 24.27 3.16 -13.60
CA CYS C 213 23.23 2.17 -13.43
C CYS C 213 22.21 2.31 -14.54
N LEU C 214 21.24 1.41 -14.54
CA LEU C 214 20.13 1.44 -15.48
C LEU C 214 18.92 0.82 -14.80
N ASN C 215 17.74 1.34 -15.11
CA ASN C 215 16.49 0.91 -14.50
C ASN C 215 15.68 0.10 -15.51
N SER C 216 14.99 -0.93 -15.04
CA SER C 216 14.28 -1.85 -15.91
C SER C 216 12.96 -2.28 -15.29
N GLN C 217 12.05 -2.75 -16.14
CA GLN C 217 10.71 -3.17 -15.79
C GLN C 217 10.68 -4.68 -15.52
N PRO C 218 9.56 -5.25 -15.10
CA PRO C 218 9.44 -6.71 -15.06
C PRO C 218 9.18 -7.30 -16.44
N HIS C 219 9.59 -8.56 -16.60
CA HIS C 219 9.39 -9.26 -17.86
C HIS C 219 7.94 -9.72 -18.01
N ALA C 220 7.55 -10.73 -17.22
CA ALA C 220 6.19 -11.23 -17.26
C ALA C 220 5.25 -10.25 -16.56
N ARG C 221 3.97 -10.36 -16.91
CA ARG C 221 2.96 -9.46 -16.32
C ARG C 221 2.73 -9.79 -14.85
N GLY C 222 2.40 -11.04 -14.55
CA GLY C 222 2.12 -11.43 -13.18
C GLY C 222 3.33 -11.58 -12.28
N SER C 223 4.32 -12.35 -12.72
CA SER C 223 5.51 -12.61 -11.92
C SER C 223 6.48 -11.45 -12.01
N SER C 224 7.31 -11.30 -10.97
CA SER C 224 8.36 -10.29 -10.96
C SER C 224 9.64 -10.96 -11.45
N ARG C 225 10.03 -10.63 -12.68
CA ARG C 225 11.24 -11.16 -13.28
C ARG C 225 11.71 -10.19 -14.35
N ALA C 226 13.03 -10.11 -14.54
CA ALA C 226 13.57 -9.29 -15.60
C ALA C 226 14.76 -9.99 -16.23
N ILE C 227 14.71 -10.16 -17.55
CA ILE C 227 15.81 -10.67 -18.35
C ILE C 227 16.56 -9.46 -18.91
N PHE C 228 17.87 -9.59 -19.06
CA PHE C 228 18.66 -8.46 -19.54
C PHE C 228 19.57 -8.86 -20.70
N SER C 234 33.27 -6.04 -22.18
CA SER C 234 34.53 -5.52 -21.65
C SER C 234 35.54 -6.65 -21.43
N PRO C 235 36.22 -7.07 -22.49
CA PRO C 235 37.19 -8.17 -22.35
C PRO C 235 38.39 -7.80 -21.48
N SER C 236 38.75 -6.54 -21.38
CA SER C 236 39.93 -6.14 -20.60
C SER C 236 39.61 -6.03 -19.12
N ARG C 237 38.81 -5.02 -18.75
CA ARG C 237 38.45 -4.77 -17.36
C ARG C 237 36.95 -4.94 -17.19
N ARG C 238 36.55 -5.91 -16.39
CA ARG C 238 35.14 -6.16 -16.12
C ARG C 238 34.67 -5.25 -14.99
N TRP C 239 33.56 -4.56 -15.22
CA TRP C 239 32.99 -3.67 -14.20
C TRP C 239 32.31 -4.49 -13.11
N TRP C 240 31.74 -3.80 -12.13
CA TRP C 240 31.07 -4.47 -11.03
C TRP C 240 29.64 -4.85 -11.46
N TYR C 241 28.91 -5.50 -10.56
CA TYR C 241 27.54 -5.89 -10.85
C TYR C 241 26.69 -5.76 -9.59
N ARG C 242 25.52 -5.15 -9.73
CA ARG C 242 24.56 -5.00 -8.63
C ARG C 242 23.15 -5.08 -9.20
N CYS C 243 22.24 -5.69 -8.43
CA CYS C 243 20.83 -5.66 -8.77
C CYS C 243 20.01 -5.23 -7.56
N TYR C 244 18.91 -4.51 -7.85
CA TYR C 244 18.02 -3.96 -6.84
C TYR C 244 16.59 -4.15 -7.31
N ALA C 245 15.66 -4.03 -6.36
CA ALA C 245 14.24 -4.17 -6.65
C ALA C 245 13.47 -3.13 -5.84
N TYR C 246 12.40 -2.59 -6.42
CA TYR C 246 11.64 -1.55 -5.75
C TYR C 246 10.22 -1.53 -6.29
N ASP C 247 9.33 -0.94 -5.51
CA ASP C 247 7.98 -0.62 -5.95
C ASP C 247 8.01 0.72 -6.68
N SER C 248 7.36 0.78 -7.85
CA SER C 248 7.46 1.96 -8.71
C SER C 248 6.95 3.21 -8.01
N ASN C 249 5.96 3.08 -7.13
CA ASN C 249 5.42 4.23 -6.43
C ASN C 249 6.44 4.86 -5.49
N SER C 250 7.45 4.09 -5.07
CA SER C 250 8.58 4.61 -4.28
C SER C 250 9.86 4.25 -5.02
N PRO C 251 10.15 4.94 -6.12
CA PRO C 251 11.29 4.55 -6.96
C PRO C 251 12.64 4.78 -6.31
N TYR C 252 12.73 5.65 -5.31
CA TYR C 252 13.99 6.07 -4.73
C TYR C 252 14.34 5.29 -3.46
N GLU C 253 13.50 4.32 -3.09
CA GLU C 253 13.80 3.37 -2.02
C GLU C 253 14.04 2.02 -2.68
N TRP C 254 15.29 1.56 -2.64
CA TRP C 254 15.70 0.31 -3.26
C TRP C 254 16.05 -0.70 -2.16
N SER C 255 15.94 -1.98 -2.50
CA SER C 255 16.18 -3.02 -1.51
C SER C 255 17.67 -3.07 -1.16
N LEU C 256 18.01 -3.99 -0.25
CA LEU C 256 19.37 -4.07 0.23
C LEU C 256 20.29 -4.56 -0.88
N PRO C 257 21.57 -4.15 -0.87
CA PRO C 257 22.49 -4.56 -1.93
C PRO C 257 22.56 -6.07 -2.07
N SER C 258 22.49 -6.54 -3.32
CA SER C 258 22.42 -7.96 -3.60
C SER C 258 23.75 -8.63 -3.31
N ASP C 259 23.79 -9.94 -3.55
CA ASP C 259 25.06 -10.64 -3.54
C ASP C 259 25.95 -10.12 -4.67
N LEU C 260 27.26 -10.27 -4.50
CA LEU C 260 28.21 -9.65 -5.41
C LEU C 260 28.52 -10.63 -6.54
N LEU C 261 28.06 -10.31 -7.74
CA LEU C 261 28.36 -11.07 -8.94
C LEU C 261 29.57 -10.49 -9.68
N GLU C 262 30.17 -9.44 -9.13
CA GLU C 262 31.34 -8.80 -9.74
C GLU C 262 32.57 -9.67 -9.49
N LEU C 263 33.74 -9.14 -9.84
CA LEU C 263 35.00 -9.86 -9.65
C LEU C 263 35.52 -9.62 -8.24
N LEU C 264 35.63 -10.70 -7.47
CA LEU C 264 36.20 -10.65 -6.12
C LEU C 264 36.38 -12.06 -5.59
N ILE D 1 -25.69 -25.14 10.21
CA ILE D 1 -25.19 -25.53 8.89
C ILE D 1 -23.81 -24.94 8.66
N LEU D 2 -23.02 -25.59 7.81
CA LEU D 2 -21.66 -25.17 7.50
C LEU D 2 -21.64 -24.61 6.08
N ARG D 3 -21.47 -23.30 5.95
CA ARG D 3 -21.30 -22.67 4.65
C ARG D 3 -20.21 -21.62 4.73
N TRP D 4 -19.23 -21.67 3.82
CA TRP D 4 -19.21 -22.63 2.72
C TRP D 4 -18.72 -24.04 3.08
N GLU D 5 -18.68 -24.90 2.06
CA GLU D 5 -18.12 -26.24 2.16
C GLU D 5 -16.80 -26.31 1.38
N GLN D 6 -15.82 -26.97 1.96
CA GLN D 6 -14.53 -27.18 1.30
C GLN D 6 -14.21 -28.67 1.19
C1 NAG E . 9.75 -33.67 -3.78
C2 NAG E . 9.88 -33.37 -5.28
C3 NAG E . 11.32 -33.57 -5.74
C4 NAG E . 12.28 -32.77 -4.86
C5 NAG E . 12.05 -33.10 -3.39
C6 NAG E . 12.88 -32.26 -2.45
C7 NAG E . 7.71 -33.85 -6.32
C8 NAG E . 6.92 -34.81 -7.14
N2 NAG E . 8.97 -34.18 -6.05
O3 NAG E . 11.45 -33.16 -7.09
O4 NAG E . 13.63 -33.08 -5.21
O5 NAG E . 10.67 -32.86 -3.05
O6 NAG E . 12.57 -30.87 -2.57
O7 NAG E . 7.22 -32.79 -5.91
#